data_7ZSN
#
_entry.id   7ZSN
#
_cell.length_a   141.720
_cell.length_b   141.720
_cell.length_c   162.440
_cell.angle_alpha   90.000
_cell.angle_beta   90.000
_cell.angle_gamma   120.000
#
_symmetry.space_group_name_H-M   'H 3 2'
#
loop_
_entity.id
_entity.type
_entity.pdbx_description
1 polymer 'Purine nucleoside phosphorylase'
2 non-polymer '[(~{E})-2-[5-bromanyl-2-[(4-oxidanylidene-3,5-dihydropyrrolo[3,2-d]pyrimidin-7-yl)sulfanyl]phenyl]ethenyl]phosphonic acid'
3 non-polymer 6-tungstotellurate(VI)
4 non-polymer 'SULFATE ION'
5 water water
#
_entity_poly.entity_id   1
_entity_poly.type   'polypeptide(L)'
_entity_poly.pdbx_seq_one_letter_code
;MENGYTYEDYKNTAEWLLSHTKHRPQVAIICGSGLGGLTDKLTQAQIFDYGEIPNFPRSTVPGHAGRLVFGFLNGRACVM
MQGRFHMYEGYPLWKVTFPVRVFHLLGVDTLVVTNAAGGLNPKFEVGDIMLIRDHINLPGFSGQNPLRGPNDERFGDRFP
AMSDAYDRTMRQRALSTWKQMGEQRELQEGTYVMVAGPSFETVAECRVLQKLGADAVGMSTVPEVIVARHCGLRVFGFSL
ITNKVIMDYESLEKANHEEVLAAGKQAAQKLEQFVSILMASIPLPDKAS
;
_entity_poly.pdbx_strand_id   A
#
# COMPACT_ATOMS: atom_id res chain seq x y z
N GLY A 4 13.20 -12.27 -13.94
CA GLY A 4 13.30 -11.25 -12.87
C GLY A 4 14.16 -10.06 -13.28
N TYR A 5 14.71 -9.36 -12.28
CA TYR A 5 15.68 -8.23 -12.42
C TYR A 5 16.99 -8.62 -11.73
N THR A 6 18.14 -8.18 -12.26
CA THR A 6 19.44 -8.33 -11.56
C THR A 6 19.52 -7.20 -10.53
N TYR A 7 20.38 -7.33 -9.51
CA TYR A 7 20.68 -6.26 -8.54
C TYR A 7 20.98 -4.95 -9.28
N GLU A 8 21.76 -5.04 -10.37
CA GLU A 8 22.21 -3.88 -11.17
C GLU A 8 21.06 -3.22 -11.95
N ASP A 9 19.89 -3.86 -12.10
CA ASP A 9 18.74 -3.21 -12.78
C ASP A 9 18.17 -2.17 -11.83
N TYR A 10 18.10 -2.52 -10.55
CA TYR A 10 17.57 -1.65 -9.48
C TYR A 10 18.55 -0.48 -9.25
N LYS A 11 19.84 -0.80 -9.14
CA LYS A 11 20.93 0.19 -8.95
C LYS A 11 20.84 1.24 -10.07
N ASN A 12 20.72 0.77 -11.32
CA ASN A 12 20.62 1.63 -12.55
C ASN A 12 19.40 2.54 -12.43
N THR A 13 18.24 2.00 -12.04
CA THR A 13 16.98 2.78 -11.91
C THR A 13 17.18 3.83 -10.81
N ALA A 14 17.74 3.44 -9.66
CA ALA A 14 17.93 4.32 -8.47
C ALA A 14 18.83 5.50 -8.86
N GLU A 15 20.02 5.20 -9.41
CA GLU A 15 21.04 6.18 -9.85
C GLU A 15 20.45 7.14 -10.89
N TRP A 16 19.79 6.61 -11.92
CA TRP A 16 19.07 7.43 -12.93
C TRP A 16 18.14 8.43 -12.25
N LEU A 17 17.34 7.98 -11.28
CA LEU A 17 16.37 8.85 -10.58
C LEU A 17 17.13 9.89 -9.75
N LEU A 18 18.23 9.49 -9.11
CA LEU A 18 19.11 10.40 -8.32
C LEU A 18 19.76 11.44 -9.25
N SER A 19 20.08 11.07 -10.49
CA SER A 19 20.69 11.95 -11.52
C SER A 19 19.67 12.96 -12.07
N HIS A 20 18.37 12.81 -11.78
CA HIS A 20 17.26 13.52 -12.47
C HIS A 20 16.37 14.26 -11.49
N THR A 21 16.64 14.15 -10.18
CA THR A 21 15.96 14.92 -9.11
C THR A 21 17.00 15.27 -8.06
N LYS A 22 16.88 16.44 -7.42
CA LYS A 22 17.73 16.84 -6.27
C LYS A 22 17.08 16.31 -5.00
N HIS A 23 15.78 15.98 -5.06
CA HIS A 23 15.02 15.33 -3.98
C HIS A 23 15.72 14.04 -3.54
N ARG A 24 15.91 13.87 -2.22
CA ARG A 24 16.40 12.61 -1.60
C ARG A 24 15.32 12.17 -0.62
N PRO A 25 14.46 11.21 -1.01
CA PRO A 25 13.28 10.87 -0.20
C PRO A 25 13.67 9.97 0.96
N GLN A 26 12.91 10.10 2.05
CA GLN A 26 13.04 9.29 3.29
C GLN A 26 11.83 8.37 3.39
N VAL A 27 10.66 8.85 2.95
CA VAL A 27 9.37 8.13 3.04
C VAL A 27 8.83 7.88 1.63
N ALA A 28 8.53 6.62 1.33
CA ALA A 28 7.77 6.19 0.12
C ALA A 28 6.32 5.99 0.53
N ILE A 29 5.40 6.53 -0.25
CA ILE A 29 3.94 6.38 -0.02
C ILE A 29 3.35 5.75 -1.28
N ILE A 30 2.67 4.63 -1.13
CA ILE A 30 1.95 3.95 -2.22
C ILE A 30 0.47 4.26 -1.99
N CYS A 31 -0.11 5.09 -2.86
CA CYS A 31 -1.53 5.49 -2.79
C CYS A 31 -2.41 4.38 -3.35
N GLY A 32 -3.38 3.93 -2.54
CA GLY A 32 -4.46 3.01 -2.96
C GLY A 32 -5.44 3.73 -3.86
N SER A 33 -6.32 3.00 -4.55
CA SER A 33 -7.39 3.53 -5.43
C SER A 33 -8.22 4.55 -4.64
N GLY A 34 -8.19 5.82 -5.06
CA GLY A 34 -8.96 6.94 -4.48
C GLY A 34 -8.18 7.74 -3.44
N LEU A 35 -6.86 7.56 -3.32
CA LEU A 35 -5.97 8.43 -2.49
C LEU A 35 -4.90 9.08 -3.39
N GLY A 36 -5.14 9.13 -4.69
CA GLY A 36 -4.20 9.66 -5.69
C GLY A 36 -3.98 11.14 -5.51
N GLY A 37 -5.04 11.85 -5.09
CA GLY A 37 -5.03 13.31 -4.82
C GLY A 37 -3.86 13.74 -3.96
N LEU A 38 -3.39 12.86 -3.08
CA LEU A 38 -2.35 13.13 -2.06
C LEU A 38 -1.10 13.77 -2.70
N THR A 39 -0.84 13.55 -4.00
CA THR A 39 0.31 14.16 -4.73
C THR A 39 0.11 15.67 -4.84
N ASP A 40 -1.14 16.15 -4.76
CA ASP A 40 -1.48 17.60 -4.81
C ASP A 40 -0.94 18.31 -3.56
N LYS A 41 -0.86 17.61 -2.42
CA LYS A 41 -0.42 18.17 -1.11
C LYS A 41 1.10 18.36 -1.10
N LEU A 42 1.83 17.75 -2.04
CA LEU A 42 3.31 17.83 -2.06
C LEU A 42 3.73 19.25 -2.42
N THR A 43 4.92 19.65 -1.99
CA THR A 43 5.53 20.96 -2.35
C THR A 43 6.85 20.65 -3.05
N GLN A 44 7.25 21.51 -4.00
CA GLN A 44 8.42 21.30 -4.88
C GLN A 44 8.27 19.94 -5.57
N ALA A 45 7.04 19.62 -5.97
CA ALA A 45 6.67 18.35 -6.64
C ALA A 45 7.45 18.23 -7.96
N GLN A 46 8.16 17.13 -8.15
CA GLN A 46 8.80 16.74 -9.43
C GLN A 46 8.19 15.39 -9.86
N ILE A 47 7.50 15.37 -11.00
CA ILE A 47 6.76 14.21 -11.55
C ILE A 47 7.66 13.45 -12.52
N PHE A 48 7.69 12.12 -12.43
CA PHE A 48 8.22 11.20 -13.48
C PHE A 48 7.15 10.16 -13.81
N ASP A 49 6.70 10.15 -15.07
CA ASP A 49 5.84 9.07 -15.62
C ASP A 49 6.63 7.75 -15.61
N TYR A 50 6.00 6.64 -15.22
CA TYR A 50 6.68 5.31 -15.08
C TYR A 50 7.43 5.00 -16.38
N GLY A 51 6.78 5.26 -17.51
CA GLY A 51 7.32 5.06 -18.88
C GLY A 51 8.68 5.68 -19.10
N GLU A 52 9.00 6.78 -18.40
CA GLU A 52 10.27 7.53 -18.56
C GLU A 52 11.40 6.90 -17.73
N ILE A 53 11.07 6.08 -16.73
CA ILE A 53 12.05 5.53 -15.75
C ILE A 53 12.53 4.18 -16.30
N PRO A 54 13.84 4.01 -16.54
CA PRO A 54 14.39 2.70 -16.90
C PRO A 54 13.84 1.57 -16.02
N ASN A 55 13.60 0.41 -16.64
CA ASN A 55 13.26 -0.89 -15.98
C ASN A 55 11.91 -0.83 -15.27
N PHE A 56 11.26 0.33 -15.23
CA PHE A 56 10.09 0.56 -14.35
C PHE A 56 8.86 0.06 -15.08
N PRO A 57 8.14 -0.96 -14.56
CA PRO A 57 6.93 -1.45 -15.22
C PRO A 57 6.03 -0.27 -15.64
N ARG A 58 5.53 -0.28 -16.86
CA ARG A 58 4.55 0.73 -17.36
C ARG A 58 3.14 0.25 -17.00
N SER A 59 2.21 1.18 -16.77
CA SER A 59 0.81 0.89 -16.37
C SER A 59 0.05 0.29 -17.56
N THR A 60 -0.90 -0.61 -17.30
CA THR A 60 -1.80 -1.24 -18.32
C THR A 60 -3.13 -0.46 -18.42
N VAL A 61 -3.39 0.45 -17.46
CA VAL A 61 -4.62 1.30 -17.35
C VAL A 61 -4.39 2.58 -18.15
N PRO A 62 -4.67 2.62 -19.48
CA PRO A 62 -4.37 3.82 -20.28
C PRO A 62 -5.25 5.01 -19.86
N GLY A 63 -6.46 4.73 -19.32
CA GLY A 63 -7.42 5.73 -18.82
C GLY A 63 -6.81 6.65 -17.77
N HIS A 64 -6.25 6.09 -16.70
CA HIS A 64 -5.47 6.78 -15.65
C HIS A 64 -4.12 6.06 -15.49
N ALA A 65 -3.01 6.70 -15.88
CA ALA A 65 -1.64 6.15 -15.86
C ALA A 65 -1.00 6.38 -14.48
N GLY A 66 0.31 6.09 -14.39
CA GLY A 66 1.06 5.99 -13.12
C GLY A 66 2.30 6.87 -13.13
N ARG A 67 2.56 7.52 -11.99
CA ARG A 67 3.61 8.54 -11.80
C ARG A 67 4.31 8.29 -10.48
N LEU A 68 5.64 8.43 -10.45
CA LEU A 68 6.37 8.82 -9.21
C LEU A 68 6.35 10.35 -9.10
N VAL A 69 5.94 10.86 -7.94
CA VAL A 69 6.04 12.30 -7.58
C VAL A 69 6.95 12.42 -6.38
N PHE A 70 8.15 12.98 -6.56
CA PHE A 70 9.08 13.40 -5.48
C PHE A 70 8.66 14.79 -4.99
N GLY A 71 8.72 15.03 -3.68
CA GLY A 71 8.30 16.31 -3.09
C GLY A 71 8.27 16.27 -1.58
N PHE A 72 7.87 17.38 -0.96
CA PHE A 72 7.80 17.49 0.52
C PHE A 72 6.33 17.39 0.91
N LEU A 73 6.06 16.50 1.85
CA LEU A 73 4.75 16.43 2.55
C LEU A 73 5.03 16.72 4.02
N ASN A 74 4.48 17.84 4.50
CA ASN A 74 4.48 18.23 5.93
C ASN A 74 5.92 18.09 6.45
N GLY A 75 6.88 18.65 5.72
CA GLY A 75 8.30 18.66 6.10
C GLY A 75 8.88 17.26 6.19
N ARG A 76 8.39 16.31 5.38
CA ARG A 76 9.08 15.02 5.10
C ARG A 76 9.33 14.92 3.59
N ALA A 77 10.57 14.60 3.22
CA ALA A 77 11.03 14.25 1.85
C ALA A 77 10.39 12.93 1.41
N CYS A 78 9.43 13.00 0.49
CA CYS A 78 8.60 11.87 0.02
C CYS A 78 8.88 11.50 -1.45
N VAL A 79 8.60 10.25 -1.79
CA VAL A 79 8.35 9.76 -3.19
C VAL A 79 7.01 9.04 -3.15
N MET A 80 6.02 9.52 -3.90
CA MET A 80 4.68 8.91 -4.01
C MET A 80 4.55 8.12 -5.31
N MET A 81 4.01 6.90 -5.23
CA MET A 81 3.48 6.12 -6.36
C MET A 81 2.00 6.47 -6.48
N GLN A 82 1.62 7.14 -7.56
CA GLN A 82 0.20 7.31 -7.95
C GLN A 82 -0.10 6.30 -9.05
N GLY A 83 -0.97 5.32 -8.80
CA GLY A 83 -1.15 4.15 -9.67
C GLY A 83 -0.16 3.05 -9.29
N ARG A 84 -0.67 1.97 -8.73
CA ARG A 84 0.18 0.86 -8.23
C ARG A 84 -0.15 -0.37 -9.07
N PHE A 85 0.75 -1.36 -9.11
CA PHE A 85 0.57 -2.63 -9.85
C PHE A 85 -0.12 -3.66 -8.94
N HIS A 86 -0.98 -4.49 -9.54
CA HIS A 86 -1.73 -5.60 -8.90
C HIS A 86 -1.48 -6.90 -9.69
N MET A 87 -1.55 -8.04 -9.03
CA MET A 87 -1.27 -9.31 -9.74
C MET A 87 -2.48 -9.65 -10.62
N TYR A 88 -3.69 -9.17 -10.33
CA TYR A 88 -4.86 -9.41 -11.23
C TYR A 88 -4.65 -8.72 -12.60
N GLU A 89 -3.75 -7.75 -12.72
CA GLU A 89 -3.47 -7.06 -14.01
C GLU A 89 -2.55 -7.95 -14.86
N GLY A 90 -1.93 -8.97 -14.26
CA GLY A 90 -1.04 -9.90 -14.97
C GLY A 90 0.44 -9.67 -14.67
N TYR A 91 0.80 -8.67 -13.86
CA TYR A 91 2.21 -8.49 -13.43
C TYR A 91 2.59 -9.65 -12.51
N PRO A 92 3.72 -10.32 -12.79
CA PRO A 92 4.32 -11.20 -11.78
C PRO A 92 4.75 -10.32 -10.58
N LEU A 93 4.85 -10.91 -9.39
CA LEU A 93 5.09 -10.13 -8.14
C LEU A 93 6.48 -9.47 -8.13
N TRP A 94 7.45 -9.92 -8.92
CA TRP A 94 8.78 -9.25 -8.95
C TRP A 94 8.67 -7.92 -9.72
N LYS A 95 7.61 -7.70 -10.50
CA LYS A 95 7.33 -6.39 -11.17
C LYS A 95 6.49 -5.50 -10.23
N VAL A 96 5.50 -6.08 -9.57
CA VAL A 96 4.59 -5.37 -8.62
C VAL A 96 5.46 -4.66 -7.57
N THR A 97 6.45 -5.35 -7.02
CA THR A 97 7.25 -4.91 -5.86
C THR A 97 8.58 -4.32 -6.28
N PHE A 98 8.83 -4.19 -7.59
CA PHE A 98 10.07 -3.59 -8.15
C PHE A 98 10.31 -2.21 -7.55
N PRO A 99 9.29 -1.32 -7.49
CA PRO A 99 9.51 0.02 -6.94
C PRO A 99 10.08 -0.03 -5.52
N VAL A 100 9.64 -0.97 -4.67
CA VAL A 100 9.99 -0.97 -3.22
C VAL A 100 11.51 -1.15 -3.07
N ARG A 101 12.13 -1.91 -3.94
CA ARG A 101 13.60 -2.08 -3.94
C ARG A 101 14.29 -0.81 -4.46
N VAL A 102 13.66 -0.09 -5.39
CA VAL A 102 14.25 1.16 -5.94
C VAL A 102 14.27 2.20 -4.80
N PHE A 103 13.13 2.42 -4.14
CA PHE A 103 12.98 3.28 -2.94
C PHE A 103 14.12 3.01 -1.96
N HIS A 104 14.33 1.75 -1.58
CA HIS A 104 15.41 1.35 -0.65
C HIS A 104 16.74 1.96 -1.12
N LEU A 105 17.09 1.79 -2.39
CA LEU A 105 18.40 2.21 -2.99
C LEU A 105 18.43 3.74 -3.19
N LEU A 106 17.28 4.42 -3.20
CA LEU A 106 17.18 5.89 -3.19
C LEU A 106 17.54 6.42 -1.79
N GLY A 107 17.53 5.54 -0.78
CA GLY A 107 17.78 5.85 0.65
C GLY A 107 16.51 6.02 1.45
N VAL A 108 15.35 5.59 0.93
CA VAL A 108 14.07 5.53 1.69
C VAL A 108 14.25 4.51 2.82
N ASP A 109 13.75 4.82 4.02
CA ASP A 109 13.80 3.94 5.21
C ASP A 109 12.40 3.67 5.76
N THR A 110 11.37 4.30 5.20
CA THR A 110 9.97 4.12 5.66
C THR A 110 9.06 3.95 4.44
N LEU A 111 8.09 3.04 4.52
CA LEU A 111 7.06 2.84 3.47
C LEU A 111 5.69 3.01 4.10
N VAL A 112 4.90 3.95 3.58
CA VAL A 112 3.45 4.05 3.91
C VAL A 112 2.68 3.46 2.73
N VAL A 113 1.90 2.41 2.98
CA VAL A 113 1.09 1.69 1.98
C VAL A 113 -0.37 1.97 2.32
N THR A 114 -1.18 2.42 1.37
CA THR A 114 -2.64 2.52 1.56
C THR A 114 -3.31 1.67 0.49
N ASN A 115 -4.54 1.24 0.74
CA ASN A 115 -5.36 0.42 -0.19
C ASN A 115 -6.83 0.69 0.11
N ALA A 116 -7.70 0.27 -0.80
CA ALA A 116 -9.14 0.10 -0.56
C ALA A 116 -9.36 -1.38 -0.22
N ALA A 117 -10.40 -1.69 0.54
CA ALA A 117 -10.64 -3.05 1.07
C ALA A 117 -12.10 -3.19 1.43
N GLY A 118 -12.61 -4.41 1.34
CA GLY A 118 -13.96 -4.80 1.76
C GLY A 118 -13.96 -5.16 3.22
N GLY A 119 -14.96 -4.68 3.95
CA GLY A 119 -15.12 -5.00 5.38
C GLY A 119 -15.66 -6.41 5.57
N LEU A 120 -14.97 -7.19 6.37
CA LEU A 120 -15.36 -8.56 6.80
C LEU A 120 -15.81 -8.51 8.26
N ASN A 121 -15.11 -7.71 9.08
CA ASN A 121 -15.52 -7.41 10.48
C ASN A 121 -16.86 -6.70 10.44
N PRO A 122 -17.93 -7.24 11.08
CA PRO A 122 -19.25 -6.61 11.01
C PRO A 122 -19.31 -5.25 11.71
N LYS A 123 -18.43 -4.98 12.67
CA LYS A 123 -18.32 -3.68 13.40
C LYS A 123 -17.87 -2.56 12.44
N PHE A 124 -17.39 -2.90 11.23
CA PHE A 124 -16.81 -1.92 10.27
C PHE A 124 -17.95 -1.30 9.44
N GLU A 125 -17.80 -0.05 9.03
CA GLU A 125 -18.80 0.65 8.18
C GLU A 125 -18.07 1.29 7.00
N VAL A 126 -18.75 1.41 5.85
CA VAL A 126 -18.21 2.14 4.67
C VAL A 126 -17.68 3.50 5.15
N GLY A 127 -16.44 3.83 4.80
CA GLY A 127 -15.81 5.13 5.09
C GLY A 127 -14.78 5.03 6.18
N ASP A 128 -14.84 3.94 6.96
CA ASP A 128 -13.89 3.63 8.07
C ASP A 128 -12.48 3.48 7.53
N ILE A 129 -11.50 3.90 8.32
CA ILE A 129 -10.06 3.58 8.14
C ILE A 129 -9.72 2.46 9.11
N MET A 130 -9.18 1.36 8.59
CA MET A 130 -8.57 0.28 9.40
C MET A 130 -7.05 0.37 9.27
N LEU A 131 -6.34 0.63 10.36
CA LEU A 131 -4.87 0.45 10.44
C LEU A 131 -4.57 -1.04 10.34
N ILE A 132 -3.54 -1.41 9.59
CA ILE A 132 -3.18 -2.83 9.41
C ILE A 132 -2.24 -3.18 10.57
N ARG A 133 -2.71 -4.03 11.49
CA ARG A 133 -1.92 -4.64 12.59
C ARG A 133 -1.15 -5.82 11.99
N ASP A 134 -1.75 -6.51 11.01
CA ASP A 134 -1.23 -7.78 10.47
C ASP A 134 -1.84 -8.09 9.10
N HIS A 135 -1.29 -9.07 8.38
CA HIS A 135 -1.88 -9.58 7.12
C HIS A 135 -1.91 -11.11 7.08
N ILE A 136 -2.82 -11.65 6.28
CA ILE A 136 -2.83 -13.07 5.81
C ILE A 136 -2.53 -13.07 4.31
N ASN A 137 -1.39 -13.67 3.93
CA ASN A 137 -0.88 -13.72 2.52
C ASN A 137 -1.31 -15.05 1.88
N LEU A 138 -2.59 -15.16 1.51
CA LEU A 138 -3.13 -16.36 0.83
C LEU A 138 -2.30 -16.69 -0.41
N PRO A 139 -1.98 -15.76 -1.34
CA PRO A 139 -1.15 -16.11 -2.50
C PRO A 139 0.22 -16.65 -2.09
N GLY A 140 0.82 -16.05 -1.04
CA GLY A 140 2.14 -16.47 -0.53
C GLY A 140 2.19 -17.93 -0.12
N PHE A 141 1.13 -18.45 0.50
CA PHE A 141 1.06 -19.86 0.98
C PHE A 141 1.33 -20.80 -0.20
N SER A 142 0.79 -20.43 -1.36
CA SER A 142 0.71 -21.28 -2.57
C SER A 142 1.94 -21.14 -3.46
N GLY A 143 2.79 -20.14 -3.20
CA GLY A 143 4.04 -19.90 -3.97
C GLY A 143 4.13 -18.50 -4.56
N GLN A 144 3.03 -17.74 -4.56
CA GLN A 144 3.03 -16.34 -5.04
C GLN A 144 3.53 -15.44 -3.93
N ASN A 145 4.84 -15.52 -3.67
CA ASN A 145 5.58 -14.68 -2.70
C ASN A 145 6.65 -13.93 -3.49
N PRO A 146 6.82 -12.60 -3.30
CA PRO A 146 7.73 -11.82 -4.15
C PRO A 146 9.21 -12.12 -3.91
N LEU A 147 9.55 -12.85 -2.85
CA LEU A 147 10.96 -13.19 -2.54
C LEU A 147 11.32 -14.52 -3.19
N ARG A 148 10.39 -15.18 -3.88
CA ARG A 148 10.66 -16.48 -4.53
C ARG A 148 11.77 -16.30 -5.56
N GLY A 149 12.72 -17.24 -5.64
CA GLY A 149 13.90 -17.18 -6.52
C GLY A 149 15.19 -16.99 -5.70
N PRO A 150 16.34 -16.82 -6.38
CA PRO A 150 17.59 -16.47 -5.69
C PRO A 150 17.38 -15.30 -4.74
N ASN A 151 17.99 -15.35 -3.56
CA ASN A 151 18.01 -14.24 -2.57
C ASN A 151 19.31 -13.47 -2.71
N ASP A 152 19.23 -12.13 -2.75
CA ASP A 152 20.42 -11.25 -2.75
C ASP A 152 20.64 -10.73 -1.33
N GLU A 153 21.76 -11.14 -0.72
CA GLU A 153 22.16 -10.74 0.67
C GLU A 153 22.30 -9.22 0.74
N ARG A 154 22.52 -8.54 -0.40
CA ARG A 154 22.60 -7.05 -0.45
C ARG A 154 21.23 -6.42 -0.13
N PHE A 155 20.13 -7.15 -0.36
CA PHE A 155 18.76 -6.70 0.00
C PHE A 155 18.39 -7.23 1.39
N GLY A 156 18.69 -8.49 1.70
CA GLY A 156 18.20 -9.11 2.96
C GLY A 156 18.45 -10.59 3.04
N ASP A 157 17.91 -11.23 4.08
CA ASP A 157 18.11 -12.67 4.41
C ASP A 157 17.18 -13.50 3.52
N ARG A 158 17.54 -14.77 3.31
CA ARG A 158 16.71 -15.78 2.61
C ARG A 158 15.33 -15.91 3.27
N PHE A 159 15.26 -15.87 4.60
CA PHE A 159 14.08 -16.28 5.42
C PHE A 159 13.74 -15.16 6.40
N PRO A 160 13.32 -13.96 5.93
CA PRO A 160 12.99 -12.87 6.83
C PRO A 160 11.67 -13.13 7.57
N ALA A 161 11.51 -12.55 8.76
CA ALA A 161 10.28 -12.66 9.59
C ALA A 161 9.31 -11.56 9.15
N MET A 162 8.01 -11.82 9.31
CA MET A 162 6.93 -10.83 9.05
C MET A 162 6.03 -10.68 10.28
N SER A 163 6.28 -11.42 11.37
CA SER A 163 5.50 -11.32 12.64
C SER A 163 5.47 -9.85 13.12
N ASP A 164 6.53 -9.07 12.87
CA ASP A 164 6.63 -7.65 13.32
C ASP A 164 6.50 -6.67 12.13
N ALA A 165 5.84 -7.05 11.04
CA ALA A 165 5.85 -6.29 9.76
C ALA A 165 5.34 -4.86 9.94
N TYR A 166 4.18 -4.66 10.56
CA TYR A 166 3.53 -3.34 10.72
C TYR A 166 4.02 -2.68 12.02
N ASP A 167 4.98 -1.75 11.91
CA ASP A 167 5.64 -1.04 13.04
C ASP A 167 4.66 -0.77 14.19
N ARG A 168 5.01 -1.28 15.39
CA ARG A 168 4.31 -1.01 16.68
C ARG A 168 4.21 0.50 16.91
N THR A 169 5.35 1.21 16.97
CA THR A 169 5.42 2.68 17.27
C THR A 169 4.46 3.47 16.37
N MET A 170 4.54 3.28 15.04
CA MET A 170 3.77 4.10 14.08
C MET A 170 2.28 3.85 14.28
N ARG A 171 1.88 2.66 14.73
CA ARG A 171 0.44 2.35 14.91
C ARG A 171 -0.09 3.12 16.11
N GLN A 172 0.65 3.12 17.24
CA GLN A 172 0.35 4.00 18.41
C GLN A 172 0.24 5.45 17.91
N ARG A 173 1.34 5.99 17.37
CA ARG A 173 1.42 7.41 16.95
C ARG A 173 0.26 7.72 15.99
N ALA A 174 -0.28 6.72 15.29
CA ALA A 174 -1.42 6.86 14.36
C ALA A 174 -2.74 6.98 15.14
N LEU A 175 -2.94 6.13 16.17
CA LEU A 175 -4.16 6.16 17.04
C LEU A 175 -4.20 7.53 17.74
N SER A 176 -3.09 7.94 18.36
CA SER A 176 -2.84 9.30 18.95
C SER A 176 -3.35 10.38 18.00
N THR A 177 -2.65 10.60 16.88
CA THR A 177 -2.96 11.57 15.80
C THR A 177 -4.45 11.59 15.49
N TRP A 178 -5.13 10.43 15.53
CA TRP A 178 -6.57 10.30 15.19
C TRP A 178 -7.41 10.98 16.29
N LYS A 179 -7.12 10.67 17.56
CA LYS A 179 -7.66 11.35 18.76
C LYS A 179 -7.36 12.86 18.65
N GLN A 180 -6.08 13.22 18.43
CA GLN A 180 -5.59 14.62 18.27
C GLN A 180 -6.54 15.44 17.39
N MET A 181 -7.12 14.87 16.34
CA MET A 181 -8.07 15.56 15.43
C MET A 181 -9.54 15.30 15.84
N GLY A 182 -9.78 14.56 16.93
CA GLY A 182 -11.12 14.15 17.40
C GLY A 182 -11.74 13.06 16.53
N GLU A 183 -12.57 13.47 15.55
CA GLU A 183 -13.23 12.62 14.51
C GLU A 183 -14.41 11.83 15.13
N GLN A 184 -15.56 11.86 14.46
CA GLN A 184 -16.86 11.26 14.89
C GLN A 184 -16.73 9.74 15.04
N ARG A 185 -16.35 9.05 13.96
CA ARG A 185 -16.16 7.57 13.92
C ARG A 185 -14.75 7.23 14.42
N GLU A 186 -14.58 6.08 15.09
CA GLU A 186 -13.28 5.65 15.68
C GLU A 186 -12.38 5.03 14.59
N LEU A 187 -11.06 5.08 14.79
CA LEU A 187 -10.03 4.48 13.91
C LEU A 187 -9.95 2.97 14.14
N GLN A 188 -10.28 2.17 13.13
CA GLN A 188 -10.27 0.69 13.25
C GLN A 188 -8.82 0.19 13.15
N GLU A 189 -8.61 -1.03 13.63
CA GLU A 189 -7.31 -1.74 13.57
C GLU A 189 -7.64 -3.22 13.32
N GLY A 190 -6.79 -3.97 12.59
CA GLY A 190 -7.14 -5.34 12.19
C GLY A 190 -6.21 -5.98 11.19
N THR A 191 -6.60 -7.16 10.73
CA THR A 191 -5.86 -8.03 9.79
C THR A 191 -6.38 -7.82 8.38
N TYR A 192 -5.48 -7.52 7.44
CA TYR A 192 -5.79 -7.45 6.00
C TYR A 192 -5.44 -8.80 5.36
N VAL A 193 -6.40 -9.40 4.66
CA VAL A 193 -6.15 -10.64 3.86
C VAL A 193 -6.00 -10.20 2.40
N MET A 194 -4.87 -10.52 1.76
CA MET A 194 -4.75 -10.36 0.30
C MET A 194 -5.35 -11.59 -0.37
N VAL A 195 -6.26 -11.35 -1.30
CA VAL A 195 -6.68 -12.31 -2.35
C VAL A 195 -6.22 -11.73 -3.69
N ALA A 196 -6.11 -12.56 -4.72
CA ALA A 196 -5.53 -12.14 -6.01
C ALA A 196 -6.57 -11.33 -6.79
N GLY A 197 -7.86 -11.64 -6.64
CA GLY A 197 -8.92 -11.10 -7.51
C GLY A 197 -8.72 -11.56 -8.95
N PRO A 198 -9.25 -10.84 -9.98
CA PRO A 198 -9.94 -9.56 -9.80
C PRO A 198 -11.44 -9.61 -9.52
N SER A 199 -12.06 -10.79 -9.55
CA SER A 199 -13.51 -10.93 -9.26
C SER A 199 -13.72 -10.77 -7.76
N PHE A 200 -14.90 -10.33 -7.34
CA PHE A 200 -15.27 -10.16 -5.90
C PHE A 200 -15.70 -11.51 -5.33
N GLU A 201 -15.72 -11.60 -4.01
CA GLU A 201 -15.90 -12.86 -3.25
C GLU A 201 -17.36 -13.31 -3.30
N THR A 202 -17.57 -14.63 -3.32
CA THR A 202 -18.86 -15.27 -2.99
C THR A 202 -19.12 -15.13 -1.48
N VAL A 203 -20.34 -15.41 -1.04
CA VAL A 203 -20.75 -15.42 0.40
C VAL A 203 -19.90 -16.48 1.11
N ALA A 204 -19.83 -17.68 0.53
CA ALA A 204 -19.03 -18.81 1.06
C ALA A 204 -17.58 -18.37 1.21
N GLU A 205 -17.06 -17.61 0.24
CA GLU A 205 -15.64 -17.13 0.27
C GLU A 205 -15.53 -16.13 1.43
N CYS A 206 -16.46 -15.16 1.52
CA CYS A 206 -16.49 -14.15 2.61
C CYS A 206 -16.46 -14.86 3.97
N ARG A 207 -17.25 -15.90 4.15
CA ARG A 207 -17.31 -16.69 5.41
C ARG A 207 -15.95 -17.35 5.66
N VAL A 208 -15.30 -17.86 4.62
CA VAL A 208 -13.93 -18.45 4.73
C VAL A 208 -13.00 -17.40 5.33
N LEU A 209 -13.01 -16.19 4.79
CA LEU A 209 -12.02 -15.13 5.14
C LEU A 209 -12.27 -14.64 6.57
N GLN A 210 -13.55 -14.52 6.97
CA GLN A 210 -13.99 -14.26 8.37
C GLN A 210 -13.41 -15.32 9.29
N LYS A 211 -13.67 -16.61 9.00
CA LYS A 211 -13.25 -17.78 9.81
C LYS A 211 -11.72 -17.80 9.98
N LEU A 212 -10.95 -17.35 8.98
CA LEU A 212 -9.46 -17.34 9.01
C LEU A 212 -8.99 -16.15 9.85
N GLY A 213 -9.90 -15.24 10.20
CA GLY A 213 -9.67 -14.16 11.18
C GLY A 213 -9.29 -12.83 10.54
N ALA A 214 -9.77 -12.55 9.32
CA ALA A 214 -9.45 -11.30 8.59
C ALA A 214 -10.55 -10.27 8.84
N ASP A 215 -10.18 -9.00 8.96
CA ASP A 215 -11.12 -7.87 9.19
C ASP A 215 -11.40 -7.17 7.85
N ALA A 216 -10.42 -7.15 6.96
CA ALA A 216 -10.54 -6.52 5.63
C ALA A 216 -9.89 -7.42 4.57
N VAL A 217 -10.37 -7.34 3.32
CA VAL A 217 -9.84 -8.10 2.16
C VAL A 217 -9.62 -7.14 0.99
N GLY A 218 -8.44 -7.21 0.37
CA GLY A 218 -8.11 -6.44 -0.85
C GLY A 218 -7.15 -7.23 -1.73
N MET A 219 -6.70 -6.66 -2.84
CA MET A 219 -5.94 -7.37 -3.91
C MET A 219 -4.55 -6.78 -4.10
N SER A 220 -3.96 -6.19 -3.04
CA SER A 220 -2.68 -5.44 -3.10
C SER A 220 -1.90 -5.53 -1.80
N THR A 221 -0.82 -4.72 -1.69
CA THR A 221 -0.20 -4.23 -0.43
C THR A 221 0.75 -5.28 0.14
N VAL A 222 0.26 -6.51 0.35
CA VAL A 222 1.02 -7.55 1.09
C VAL A 222 2.37 -7.80 0.41
N PRO A 223 2.47 -7.96 -0.94
CA PRO A 223 3.76 -8.23 -1.55
C PRO A 223 4.72 -7.06 -1.29
N GLU A 224 4.24 -5.82 -1.42
CA GLU A 224 5.08 -4.61 -1.21
C GLU A 224 5.63 -4.62 0.24
N VAL A 225 4.76 -4.93 1.20
CA VAL A 225 5.12 -5.03 2.64
C VAL A 225 6.25 -6.06 2.81
N ILE A 226 6.10 -7.25 2.22
CA ILE A 226 7.10 -8.34 2.36
C ILE A 226 8.45 -7.84 1.85
N VAL A 227 8.47 -7.19 0.69
CA VAL A 227 9.75 -6.78 0.06
C VAL A 227 10.35 -5.61 0.86
N ALA A 228 9.51 -4.69 1.33
CA ALA A 228 9.91 -3.57 2.22
C ALA A 228 10.62 -4.12 3.46
N ARG A 229 9.94 -4.99 4.21
CA ARG A 229 10.50 -5.67 5.41
C ARG A 229 11.80 -6.43 5.07
N HIS A 230 11.87 -7.10 3.93
CA HIS A 230 13.09 -7.88 3.53
C HIS A 230 14.28 -6.92 3.39
N CYS A 231 14.01 -5.66 3.04
CA CYS A 231 15.00 -4.54 2.92
C CYS A 231 15.32 -3.87 4.26
N GLY A 232 14.41 -3.93 5.24
CA GLY A 232 14.59 -3.27 6.54
C GLY A 232 13.85 -1.95 6.62
N LEU A 233 13.04 -1.61 5.63
CA LEU A 233 12.14 -0.43 5.69
C LEU A 233 11.19 -0.64 6.87
N ARG A 234 10.92 0.43 7.61
CA ARG A 234 9.78 0.56 8.53
C ARG A 234 8.52 0.62 7.66
N VAL A 235 7.45 -0.02 8.10
CA VAL A 235 6.20 -0.15 7.31
C VAL A 235 5.06 0.19 8.24
N PHE A 236 4.21 1.11 7.79
CA PHE A 236 2.88 1.41 8.36
C PHE A 236 1.91 1.39 7.17
N GLY A 237 0.67 0.98 7.37
CA GLY A 237 -0.37 1.24 6.37
C GLY A 237 -1.78 1.12 6.91
N PHE A 238 -2.77 1.37 6.05
CA PHE A 238 -4.20 1.20 6.37
C PHE A 238 -5.02 0.96 5.10
N SER A 239 -6.29 0.64 5.31
CA SER A 239 -7.30 0.35 4.29
C SER A 239 -8.45 1.36 4.46
N LEU A 240 -8.84 2.01 3.38
CA LEU A 240 -10.18 2.65 3.28
C LEU A 240 -11.21 1.53 3.09
N ILE A 241 -12.10 1.32 4.05
CA ILE A 241 -13.20 0.32 3.92
C ILE A 241 -14.26 0.89 2.98
N THR A 242 -14.31 0.42 1.72
CA THR A 242 -15.14 0.98 0.63
C THR A 242 -16.51 0.29 0.53
N ASN A 243 -16.69 -0.83 1.21
CA ASN A 243 -17.87 -1.70 1.00
C ASN A 243 -17.88 -2.76 2.10
N LYS A 244 -19.07 -3.23 2.46
CA LYS A 244 -19.29 -4.31 3.47
C LYS A 244 -19.49 -5.59 2.67
N VAL A 245 -18.71 -6.63 2.96
CA VAL A 245 -18.65 -7.85 2.09
C VAL A 245 -19.93 -8.65 2.38
N ILE A 246 -20.72 -8.92 1.35
CA ILE A 246 -22.00 -9.66 1.51
C ILE A 246 -21.67 -11.00 2.17
N MET A 247 -22.14 -11.22 3.42
CA MET A 247 -21.80 -12.42 4.22
C MET A 247 -23.02 -13.34 4.41
N ASP A 248 -24.15 -13.06 3.74
CA ASP A 248 -25.40 -13.87 3.86
C ASP A 248 -26.10 -13.94 2.50
N TYR A 249 -26.76 -15.06 2.18
CA TYR A 249 -27.44 -15.30 0.88
C TYR A 249 -28.77 -14.52 0.83
N GLU A 250 -29.30 -14.11 1.99
CA GLU A 250 -30.56 -13.33 2.10
C GLU A 250 -30.39 -11.95 1.44
N SER A 251 -29.23 -11.31 1.62
CA SER A 251 -28.90 -9.98 1.03
C SER A 251 -29.18 -9.98 -0.48
N LEU A 252 -29.58 -8.84 -1.03
CA LEU A 252 -29.80 -8.63 -2.49
C LEU A 252 -28.99 -7.41 -2.95
N GLU A 253 -27.92 -7.06 -2.23
CA GLU A 253 -26.87 -6.10 -2.66
C GLU A 253 -25.68 -6.89 -3.22
N LYS A 254 -24.87 -6.26 -4.07
CA LYS A 254 -23.66 -6.86 -4.72
C LYS A 254 -22.54 -5.81 -4.70
N ALA A 255 -21.28 -6.25 -4.55
CA ALA A 255 -20.07 -5.38 -4.59
C ALA A 255 -19.87 -4.90 -6.03
N ASN A 256 -19.40 -3.66 -6.23
CA ASN A 256 -19.23 -3.04 -7.58
C ASN A 256 -18.05 -2.08 -7.57
N HIS A 257 -17.41 -1.91 -8.73
CA HIS A 257 -16.28 -0.97 -8.98
C HIS A 257 -16.70 0.46 -8.60
N GLU A 258 -17.91 0.87 -9.01
CA GLU A 258 -18.47 2.25 -8.83
C GLU A 258 -18.55 2.59 -7.33
N GLU A 259 -19.09 1.70 -6.48
CA GLU A 259 -19.31 1.95 -5.02
C GLU A 259 -17.95 2.07 -4.31
N VAL A 260 -16.90 1.41 -4.84
CA VAL A 260 -15.50 1.47 -4.31
C VAL A 260 -14.92 2.85 -4.65
N LEU A 261 -14.99 3.24 -5.92
CA LEU A 261 -14.53 4.57 -6.43
C LEU A 261 -15.24 5.70 -5.66
N ALA A 262 -16.57 5.60 -5.51
CA ALA A 262 -17.45 6.60 -4.84
C ALA A 262 -17.01 6.80 -3.37
N ALA A 263 -16.76 5.70 -2.64
CA ALA A 263 -16.25 5.73 -1.24
C ALA A 263 -14.85 6.37 -1.24
N GLY A 264 -14.05 6.06 -2.27
CA GLY A 264 -12.73 6.66 -2.52
C GLY A 264 -12.80 8.18 -2.61
N LYS A 265 -13.73 8.72 -3.40
CA LYS A 265 -13.98 10.18 -3.56
C LYS A 265 -14.44 10.80 -2.22
N GLN A 266 -15.32 10.12 -1.47
CA GLN A 266 -15.89 10.63 -0.20
C GLN A 266 -14.76 10.83 0.82
N ALA A 267 -14.04 9.76 1.16
CA ALA A 267 -13.05 9.74 2.27
C ALA A 267 -11.68 10.24 1.77
N ALA A 268 -11.63 10.91 0.63
CA ALA A 268 -10.39 11.47 0.03
C ALA A 268 -9.71 12.38 1.06
N GLN A 269 -10.22 13.61 1.25
CA GLN A 269 -9.64 14.62 2.18
C GLN A 269 -9.19 13.93 3.48
N LYS A 270 -10.10 13.24 4.16
CA LYS A 270 -9.88 12.62 5.49
C LYS A 270 -8.56 11.83 5.46
N LEU A 271 -8.33 11.03 4.41
CA LEU A 271 -7.14 10.13 4.30
C LEU A 271 -5.88 10.94 3.95
N GLU A 272 -6.01 11.90 3.04
CA GLU A 272 -4.90 12.81 2.65
C GLU A 272 -4.49 13.64 3.89
N GLN A 273 -5.46 14.27 4.54
CA GLN A 273 -5.32 14.97 5.84
C GLN A 273 -4.54 14.06 6.80
N PHE A 274 -5.06 12.86 7.07
CA PHE A 274 -4.53 11.90 8.07
C PHE A 274 -3.07 11.56 7.75
N VAL A 275 -2.72 11.37 6.48
CA VAL A 275 -1.39 10.86 6.05
C VAL A 275 -0.40 12.01 6.11
N SER A 276 -0.83 13.22 5.76
CA SER A 276 0.00 14.45 5.82
C SER A 276 0.44 14.69 7.28
N ILE A 277 -0.50 14.64 8.23
CA ILE A 277 -0.19 14.89 9.67
C ILE A 277 0.74 13.80 10.20
N LEU A 278 0.58 12.56 9.74
CA LEU A 278 1.38 11.38 10.19
C LEU A 278 2.87 11.54 9.85
N MET A 279 3.21 12.35 8.85
CA MET A 279 4.62 12.56 8.42
C MET A 279 5.43 13.05 9.63
N ALA A 280 4.87 13.97 10.42
CA ALA A 280 5.49 14.56 11.64
C ALA A 280 5.86 13.46 12.64
N SER A 281 5.06 12.39 12.69
CA SER A 281 5.24 11.22 13.59
C SER A 281 6.28 10.23 13.06
N ILE A 282 6.87 10.44 11.87
CA ILE A 282 7.91 9.51 11.33
C ILE A 282 9.28 10.03 11.76
N PRO A 283 10.07 9.23 12.51
CA PRO A 283 11.40 9.63 12.93
C PRO A 283 12.21 10.19 11.76
N LEU A 284 13.03 11.21 11.99
CA LEU A 284 14.07 11.65 11.01
C LEU A 284 15.18 10.61 11.01
N PRO A 285 16.02 10.54 9.95
CA PRO A 285 17.17 9.64 9.94
C PRO A 285 18.29 10.13 10.87
#